data_3CIJ
#
_entry.id   3CIJ
#
_cell.length_a   73.901
_cell.length_b   75.396
_cell.length_c   116.996
_cell.angle_alpha   90.00
_cell.angle_beta   90.00
_cell.angle_gamma   90.00
#
_symmetry.space_group_name_H-M   'P 21 21 21'
#
loop_
_entity.id
_entity.type
_entity.pdbx_description
1 polymer 'UPF0100 protein AF_0094'
2 non-polymer TUNGSTATE(VI)ION
3 non-polymer 'SULFATE ION'
4 water water
#
_entity_poly.entity_id   1
_entity_poly.type   'polypeptide(L)'
_entity_poly.pdbx_seq_one_letter_code
;GHMNVKLKVFHAGSLTEPMKAFKRAFEEKHPNVEVQTEAAGSAATIRKVTELGRKADVIATADYTLIQKMMYPEFANWTI
MFAKNQIVLAYRNDSRYADEINSQNWYEILKRPDVRFGFSNPNDDPCGYRSLMAIQLAELYYNDPTIFDELVAKNSNLRF
SEDNGSYVLRMPSSERIEINKSKIMIRSMEMELIHLVESGELDYFFIYKSVAKQHGFNFVELPVEIDLSSPDYAELYSKV
KVVLANGKEVTGKPIVYGITIPKNAENRELAVEFVKLVISEEGQEILRELGQEPL
;
_entity_poly.pdbx_strand_id   A,B
#
loop_
_chem_comp.id
_chem_comp.type
_chem_comp.name
_chem_comp.formula
SO4 non-polymer 'SULFATE ION' 'O4 S -2'
WO4 non-polymer TUNGSTATE(VI)ION 'O4 W -2'
#
# COMPACT_ATOMS: atom_id res chain seq x y z
N VAL A 5 9.12 -23.43 10.36
CA VAL A 5 7.69 -23.35 10.14
C VAL A 5 7.23 -21.92 9.81
N LYS A 6 6.34 -21.81 8.82
CA LYS A 6 5.74 -20.54 8.45
C LYS A 6 4.30 -20.46 8.91
N LEU A 7 4.07 -19.55 9.84
CA LEU A 7 2.73 -19.28 10.37
C LEU A 7 2.07 -18.14 9.59
N LYS A 8 0.92 -18.44 8.98
CA LYS A 8 0.30 -17.47 8.07
C LYS A 8 -0.78 -16.70 8.80
N VAL A 9 -0.60 -15.40 8.93
CA VAL A 9 -1.52 -14.52 9.67
C VAL A 9 -2.04 -13.45 8.72
N PHE A 10 -3.34 -13.50 8.41
CA PHE A 10 -3.96 -12.51 7.55
C PHE A 10 -4.80 -11.58 8.44
N HIS A 11 -4.61 -10.27 8.29
CA HIS A 11 -5.19 -9.34 9.23
C HIS A 11 -5.64 -8.03 8.58
N ALA A 12 -6.62 -7.42 9.26
CA ALA A 12 -7.04 -6.07 9.03
C ALA A 12 -5.88 -5.13 8.84
N GLY A 13 -6.01 -4.20 7.91
CA GLY A 13 -4.93 -3.22 7.73
C GLY A 13 -4.56 -2.49 9.00
N SER A 14 -5.55 -2.11 9.81
CA SER A 14 -5.21 -1.34 11.00
C SER A 14 -4.43 -2.15 12.02
N LEU A 15 -4.30 -3.46 11.86
CA LEU A 15 -3.47 -4.25 12.76
C LEU A 15 -2.02 -4.33 12.28
N THR A 16 -1.64 -3.61 11.23
CA THR A 16 -0.27 -3.72 10.73
C THR A 16 0.79 -3.41 11.77
N GLU A 17 0.68 -2.30 12.49
CA GLU A 17 1.72 -1.99 13.48
C GLU A 17 1.67 -2.95 14.66
N PRO A 18 0.53 -3.26 15.26
CA PRO A 18 0.52 -4.31 16.29
C PRO A 18 1.11 -5.63 15.81
N MET A 19 0.85 -6.02 14.57
CA MET A 19 1.36 -7.29 14.09
C MET A 19 2.87 -7.31 14.00
N LYS A 20 3.52 -6.17 13.75
CA LYS A 20 4.99 -6.18 13.81
C LYS A 20 5.45 -6.60 15.21
N ALA A 21 4.78 -6.10 16.23
CA ALA A 21 5.15 -6.40 17.60
C ALA A 21 4.77 -7.82 17.96
N PHE A 22 3.61 -8.29 17.52
CA PHE A 22 3.25 -9.67 17.79
C PHE A 22 4.25 -10.62 17.11
N LYS A 23 4.61 -10.32 15.87
CA LYS A 23 5.58 -11.17 15.18
C LYS A 23 6.87 -11.25 15.97
N ARG A 24 7.36 -10.10 16.44
CA ARG A 24 8.65 -10.08 17.13
C ARG A 24 8.56 -10.88 18.42
N ALA A 25 7.47 -10.67 19.16
CA ALA A 25 7.31 -11.34 20.44
C ALA A 25 7.17 -12.85 20.25
N PHE A 26 6.38 -13.24 19.27
CA PHE A 26 6.16 -14.66 19.00
C PHE A 26 7.43 -15.39 18.56
N GLU A 27 8.18 -14.76 17.66
CA GLU A 27 9.40 -15.40 17.15
C GLU A 27 10.48 -15.47 18.21
N GLU A 28 10.37 -14.60 19.21
CA GLU A 28 11.30 -14.62 20.34
C GLU A 28 11.05 -15.90 21.13
N LYS A 29 9.78 -16.27 21.32
CA LYS A 29 9.44 -17.43 22.12
C LYS A 29 9.53 -18.73 21.31
N HIS A 30 9.42 -18.60 20.01
CA HIS A 30 9.38 -19.72 19.06
C HIS A 30 10.39 -19.52 17.95
N PRO A 31 11.65 -19.85 18.20
CA PRO A 31 12.73 -19.50 17.27
C PRO A 31 12.65 -20.23 15.93
N ASN A 32 11.94 -21.35 15.87
CA ASN A 32 11.83 -22.10 14.61
C ASN A 32 10.68 -21.63 13.74
N VAL A 33 9.99 -20.56 14.13
CA VAL A 33 8.82 -20.03 13.44
C VAL A 33 9.10 -18.69 12.76
N GLU A 34 8.63 -18.57 11.52
CA GLU A 34 8.55 -17.28 10.85
C GLU A 34 7.07 -16.92 10.72
N VAL A 35 6.68 -15.82 11.35
CA VAL A 35 5.30 -15.33 11.19
C VAL A 35 5.20 -14.53 9.90
N GLN A 36 4.36 -15.00 8.99
CA GLN A 36 4.19 -14.33 7.71
C GLN A 36 2.83 -13.62 7.74
N THR A 37 2.89 -12.29 7.77
CA THR A 37 1.70 -11.47 7.97
C THR A 37 1.31 -10.83 6.64
N GLU A 38 0.03 -10.65 6.40
CA GLU A 38 -0.48 -9.95 5.23
C GLU A 38 -1.62 -9.04 5.65
N ALA A 39 -1.59 -7.80 5.21
CA ALA A 39 -2.58 -6.79 5.54
C ALA A 39 -3.59 -6.60 4.42
N ALA A 40 -4.86 -6.56 4.74
CA ALA A 40 -5.89 -6.19 3.77
C ALA A 40 -7.13 -5.77 4.55
N GLY A 41 -8.01 -5.02 3.91
CA GLY A 41 -9.29 -4.70 4.58
C GLY A 41 -9.95 -5.98 5.06
N SER A 42 -10.61 -5.92 6.22
CA SER A 42 -10.97 -7.20 6.86
C SER A 42 -11.86 -8.09 6.00
N ALA A 43 -12.78 -7.52 5.21
CA ALA A 43 -13.59 -8.42 4.37
C ALA A 43 -12.75 -9.02 3.25
N ALA A 44 -11.84 -8.23 2.67
CA ALA A 44 -10.93 -8.77 1.66
C ALA A 44 -10.00 -9.80 2.27
N THR A 45 -9.57 -9.58 3.51
CA THR A 45 -8.75 -10.56 4.23
C THR A 45 -9.48 -11.89 4.34
N ILE A 46 -10.74 -11.85 4.77
CA ILE A 46 -11.50 -13.10 4.90
C ILE A 46 -11.72 -13.77 3.55
N ARG A 47 -11.97 -12.99 2.51
CA ARG A 47 -12.16 -13.57 1.18
C ARG A 47 -10.90 -14.27 0.68
N LYS A 48 -9.72 -13.94 1.19
CA LYS A 48 -8.55 -14.74 0.81
C LYS A 48 -8.80 -16.24 1.07
N VAL A 49 -9.47 -16.51 2.19
CA VAL A 49 -9.77 -17.88 2.60
C VAL A 49 -11.08 -18.33 1.96
N THR A 50 -12.12 -17.50 1.98
CA THR A 50 -13.44 -18.01 1.56
C THR A 50 -13.63 -18.01 0.05
N GLU A 51 -12.81 -17.23 -0.68
CA GLU A 51 -12.93 -17.18 -2.13
C GLU A 51 -11.64 -17.43 -2.90
N LEU A 52 -10.46 -17.09 -2.38
CA LEU A 52 -9.22 -17.13 -3.16
C LEU A 52 -8.34 -18.33 -2.82
N GLY A 53 -8.91 -19.31 -2.13
CA GLY A 53 -8.29 -20.60 -1.95
C GLY A 53 -7.12 -20.61 -1.01
N ARG A 54 -6.83 -19.54 -0.28
CA ARG A 54 -5.65 -19.55 0.60
C ARG A 54 -5.92 -20.30 1.91
N LYS A 55 -4.85 -20.82 2.48
CA LYS A 55 -4.89 -21.37 3.83
C LYS A 55 -4.22 -20.34 4.73
N ALA A 56 -4.87 -20.04 5.82
CA ALA A 56 -4.32 -19.17 6.85
C ALA A 56 -4.40 -19.88 8.20
N ASP A 57 -3.43 -19.57 9.04
CA ASP A 57 -3.44 -20.07 10.41
C ASP A 57 -4.25 -19.19 11.34
N VAL A 58 -4.24 -17.87 11.10
CA VAL A 58 -4.88 -16.89 11.95
C VAL A 58 -5.54 -15.84 11.05
N ILE A 59 -6.80 -15.52 11.33
CA ILE A 59 -7.47 -14.38 10.72
C ILE A 59 -7.84 -13.39 11.82
N ALA A 60 -7.46 -12.13 11.63
CA ALA A 60 -7.81 -11.09 12.59
C ALA A 60 -8.52 -9.95 11.83
N THR A 61 -9.71 -9.59 12.30
N THR A 61 -9.70 -9.57 12.32
CA THR A 61 -10.49 -8.54 11.65
CA THR A 61 -10.57 -8.60 11.70
C THR A 61 -10.68 -7.35 12.59
C THR A 61 -10.80 -7.39 12.59
N ALA A 62 -10.96 -6.21 11.97
CA ALA A 62 -11.28 -4.99 12.70
C ALA A 62 -12.74 -4.94 13.17
N ASP A 63 -13.57 -5.84 12.65
CA ASP A 63 -14.95 -5.99 13.08
C ASP A 63 -15.19 -7.48 13.32
N TYR A 64 -15.27 -7.84 14.60
CA TYR A 64 -15.35 -9.26 14.94
C TYR A 64 -16.51 -9.95 14.21
N THR A 65 -17.59 -9.23 13.94
CA THR A 65 -18.78 -9.92 13.41
C THR A 65 -18.56 -10.48 12.00
N LEU A 66 -17.55 -9.96 11.28
CA LEU A 66 -17.36 -10.45 9.90
C LEU A 66 -16.94 -11.92 9.87
N ILE A 67 -16.27 -12.40 10.94
CA ILE A 67 -15.88 -13.81 10.94
C ILE A 67 -17.11 -14.70 10.91
N GLN A 68 -18.05 -14.49 11.83
CA GLN A 68 -19.30 -15.25 11.83
C GLN A 68 -20.03 -15.09 10.51
N LYS A 69 -20.16 -13.84 10.06
CA LYS A 69 -20.99 -13.59 8.88
C LYS A 69 -20.45 -14.26 7.63
N MET A 70 -19.12 -14.23 7.47
CA MET A 70 -18.53 -14.67 6.21
C MET A 70 -17.91 -16.06 6.28
N MET A 71 -17.62 -16.58 7.48
CA MET A 71 -16.86 -17.82 7.55
C MET A 71 -17.63 -18.98 8.16
N TYR A 72 -18.67 -18.75 8.96
CA TYR A 72 -19.32 -19.90 9.63
C TYR A 72 -20.32 -20.58 8.72
N PRO A 73 -20.44 -21.89 8.70
CA PRO A 73 -19.61 -22.86 9.39
C PRO A 73 -18.50 -23.48 8.55
N GLU A 74 -18.38 -23.15 7.28
CA GLU A 74 -17.47 -23.93 6.42
C GLU A 74 -16.01 -23.61 6.67
N PHE A 75 -15.69 -22.38 7.08
CA PHE A 75 -14.30 -21.94 7.17
C PHE A 75 -13.85 -21.62 8.59
N ALA A 76 -14.78 -21.45 9.53
CA ALA A 76 -14.47 -21.15 10.91
C ALA A 76 -15.71 -21.47 11.74
N ASN A 77 -15.54 -21.49 13.06
N ASN A 77 -15.54 -21.51 13.06
CA ASN A 77 -16.73 -21.71 13.89
CA ASN A 77 -16.72 -21.73 13.90
C ASN A 77 -16.66 -20.99 15.23
C ASN A 77 -16.65 -21.02 15.24
N TRP A 78 -15.61 -20.24 15.51
CA TRP A 78 -15.56 -19.43 16.74
C TRP A 78 -14.80 -18.13 16.47
N THR A 79 -15.03 -17.17 17.35
CA THR A 79 -14.41 -15.86 17.29
C THR A 79 -14.07 -15.43 18.71
N ILE A 80 -12.89 -14.87 18.93
CA ILE A 80 -12.60 -14.19 20.18
C ILE A 80 -12.54 -12.69 19.93
N MET A 81 -13.25 -11.92 20.75
CA MET A 81 -13.31 -10.47 20.66
C MET A 81 -12.14 -9.88 21.40
N PHE A 82 -11.52 -8.85 20.83
CA PHE A 82 -10.43 -8.17 21.52
C PHE A 82 -10.34 -6.75 20.92
N ALA A 83 -9.93 -5.81 21.72
CA ALA A 83 -9.50 -4.47 21.35
C ALA A 83 -10.65 -3.61 20.83
N LYS A 84 -10.45 -2.30 21.02
CA LYS A 84 -11.37 -1.27 20.58
C LYS A 84 -10.68 -0.32 19.62
N ASN A 85 -11.48 0.59 19.05
CA ASN A 85 -10.90 1.70 18.27
C ASN A 85 -11.96 2.80 18.16
N GLN A 86 -11.65 3.80 17.34
CA GLN A 86 -12.42 5.06 17.31
C GLN A 86 -12.22 5.70 15.94
N ILE A 87 -13.28 6.17 15.29
CA ILE A 87 -13.09 6.89 14.02
C ILE A 87 -12.75 8.36 14.26
N VAL A 88 -11.71 8.84 13.60
CA VAL A 88 -11.32 10.25 13.64
C VAL A 88 -11.13 10.77 12.22
N LEU A 89 -10.95 12.09 12.11
CA LEU A 89 -10.65 12.74 10.83
C LEU A 89 -9.21 13.24 10.89
N ALA A 90 -8.34 12.63 10.11
CA ALA A 90 -6.89 12.89 10.22
C ALA A 90 -6.39 13.73 9.05
N TYR A 91 -5.23 14.36 9.29
CA TYR A 91 -4.67 15.33 8.34
C TYR A 91 -3.22 15.61 8.69
N ARG A 92 -2.54 16.33 7.79
CA ARG A 92 -1.17 16.76 8.02
C ARG A 92 -1.13 18.25 8.36
N ASN A 93 0.02 18.72 8.85
CA ASN A 93 0.18 20.14 9.12
C ASN A 93 -0.08 20.99 7.87
N ASP A 94 0.27 20.47 6.70
CA ASP A 94 0.15 21.17 5.43
C ASP A 94 -1.21 20.98 4.77
N SER A 95 -2.09 20.16 5.34
CA SER A 95 -3.41 20.01 4.73
C SER A 95 -4.13 21.33 4.64
N ARG A 96 -4.94 21.52 3.61
CA ARG A 96 -5.63 22.83 3.50
C ARG A 96 -6.55 23.06 4.69
N TYR A 97 -6.44 24.22 5.31
CA TYR A 97 -7.21 24.66 6.46
C TYR A 97 -6.89 23.85 7.70
N ALA A 98 -5.74 23.18 7.73
CA ALA A 98 -5.34 22.47 8.95
C ALA A 98 -5.35 23.36 10.19
N ASP A 99 -5.00 24.62 10.03
CA ASP A 99 -4.84 25.51 11.18
C ASP A 99 -6.21 26.00 11.67
N GLU A 100 -7.23 25.71 10.89
CA GLU A 100 -8.58 26.20 11.20
C GLU A 100 -9.48 25.09 11.71
N ILE A 101 -9.23 23.84 11.29
CA ILE A 101 -10.24 22.82 11.55
C ILE A 101 -10.26 22.42 13.01
N ASN A 102 -11.48 22.11 13.48
CA ASN A 102 -11.63 21.66 14.86
C ASN A 102 -12.88 20.78 14.93
N SER A 103 -13.19 20.31 16.15
CA SER A 103 -14.33 19.43 16.30
C SER A 103 -15.68 20.09 16.03
N GLN A 104 -15.74 21.42 15.95
CA GLN A 104 -17.02 22.08 15.72
C GLN A 104 -17.25 22.32 14.23
N ASN A 105 -16.18 22.55 13.44
CA ASN A 105 -16.38 22.98 12.06
C ASN A 105 -15.96 21.94 11.01
N TRP A 106 -15.66 20.71 11.45
CA TRP A 106 -14.99 19.79 10.54
C TRP A 106 -15.77 19.55 9.26
N TYR A 107 -17.09 19.41 9.37
CA TYR A 107 -17.87 19.06 8.16
C TYR A 107 -18.01 20.29 7.28
N GLU A 108 -17.96 21.49 7.87
CA GLU A 108 -17.98 22.69 7.01
C GLU A 108 -16.67 22.79 6.24
N ILE A 109 -15.55 22.45 6.87
CA ILE A 109 -14.28 22.48 6.13
C ILE A 109 -14.30 21.47 4.98
N LEU A 110 -14.80 20.26 5.28
CA LEU A 110 -14.81 19.23 4.23
C LEU A 110 -15.71 19.59 3.05
N LYS A 111 -16.72 20.44 3.26
CA LYS A 111 -17.59 20.86 2.16
C LYS A 111 -16.93 21.88 1.24
N ARG A 112 -15.81 22.47 1.63
CA ARG A 112 -15.24 23.52 0.78
C ARG A 112 -14.70 22.92 -0.51
N PRO A 113 -14.85 23.63 -1.64
CA PRO A 113 -14.53 23.04 -2.94
C PRO A 113 -13.04 22.78 -3.18
N ASP A 114 -12.18 23.41 -2.40
CA ASP A 114 -10.74 23.22 -2.48
C ASP A 114 -10.22 22.19 -1.47
N VAL A 115 -11.12 21.43 -0.85
CA VAL A 115 -10.71 20.40 0.12
C VAL A 115 -11.06 19.01 -0.41
N ARG A 116 -10.09 18.09 -0.37
CA ARG A 116 -10.25 16.72 -0.82
C ARG A 116 -10.11 15.75 0.34
N PHE A 117 -10.95 14.72 0.38
CA PHE A 117 -10.87 13.77 1.49
C PHE A 117 -11.07 12.34 1.01
N GLY A 118 -10.67 11.39 1.85
CA GLY A 118 -10.74 9.99 1.52
C GLY A 118 -11.39 9.13 2.60
N PHE A 119 -11.84 7.99 2.13
CA PHE A 119 -12.29 6.89 2.99
C PHE A 119 -12.09 5.59 2.22
N SER A 120 -12.12 4.45 2.94
CA SER A 120 -11.89 3.20 2.24
C SER A 120 -13.20 2.56 1.76
N ASN A 121 -13.04 1.51 0.95
CA ASN A 121 -14.17 0.84 0.33
C ASN A 121 -14.95 0.01 1.34
N PRO A 122 -16.20 0.38 1.65
CA PRO A 122 -16.99 -0.41 2.61
C PRO A 122 -17.10 -1.89 2.29
N ASN A 123 -17.08 -2.25 0.99
CA ASN A 123 -17.19 -3.66 0.66
C ASN A 123 -16.00 -4.49 1.11
N ASP A 124 -14.85 -3.84 1.26
CA ASP A 124 -13.61 -4.51 1.61
C ASP A 124 -13.17 -4.29 3.06
N ASP A 125 -13.57 -3.19 3.67
CA ASP A 125 -12.87 -2.70 4.85
C ASP A 125 -13.84 -2.09 5.86
N PRO A 126 -13.90 -2.61 7.09
CA PRO A 126 -14.72 -1.96 8.13
C PRO A 126 -14.45 -0.49 8.29
N CYS A 127 -13.19 -0.03 8.17
CA CYS A 127 -13.00 1.40 8.36
C CYS A 127 -13.84 2.21 7.38
N GLY A 128 -14.01 1.65 6.17
CA GLY A 128 -14.82 2.37 5.19
C GLY A 128 -16.29 2.42 5.53
N TYR A 129 -16.92 1.27 5.86
CA TYR A 129 -18.34 1.39 6.23
C TYR A 129 -18.48 2.21 7.51
N ARG A 130 -17.52 2.10 8.44
CA ARG A 130 -17.62 2.88 9.68
C ARG A 130 -17.51 4.37 9.44
N SER A 131 -16.67 4.73 8.45
CA SER A 131 -16.54 6.16 8.12
C SER A 131 -17.85 6.71 7.58
N LEU A 132 -18.48 5.96 6.67
CA LEU A 132 -19.78 6.42 6.16
C LEU A 132 -20.84 6.43 7.26
N MET A 133 -20.81 5.42 8.14
CA MET A 133 -21.72 5.40 9.29
C MET A 133 -21.55 6.65 10.13
N ALA A 134 -20.30 7.04 10.42
CA ALA A 134 -20.05 8.20 11.28
C ALA A 134 -20.61 9.46 10.63
N ILE A 135 -20.38 9.62 9.31
CA ILE A 135 -20.87 10.83 8.64
C ILE A 135 -22.39 10.87 8.68
N GLN A 136 -23.05 9.74 8.48
CA GLN A 136 -24.54 9.73 8.58
C GLN A 136 -24.98 9.96 10.01
N LEU A 137 -24.31 9.38 11.01
CA LEU A 137 -24.69 9.64 12.41
C LEU A 137 -24.52 11.11 12.74
N ALA A 138 -23.59 11.80 12.08
CA ALA A 138 -23.45 13.23 12.28
C ALA A 138 -24.72 14.00 11.94
N GLU A 139 -25.46 13.54 10.92
CA GLU A 139 -26.72 14.22 10.62
C GLU A 139 -27.68 14.24 11.81
N LEU A 140 -27.67 13.12 12.55
CA LEU A 140 -28.54 13.01 13.74
C LEU A 140 -27.99 13.86 14.86
N TYR A 141 -26.68 13.73 15.13
CA TYR A 141 -26.09 14.47 16.26
C TYR A 141 -26.19 15.97 16.11
N TYR A 142 -25.85 16.48 14.91
CA TYR A 142 -25.88 17.90 14.64
C TYR A 142 -27.26 18.37 14.19
N ASN A 143 -28.21 17.45 14.07
CA ASN A 143 -29.57 17.79 13.64
C ASN A 143 -29.50 18.55 12.33
N ASP A 144 -28.75 18.00 11.36
CA ASP A 144 -28.46 18.62 10.07
C ASP A 144 -28.53 17.57 8.97
N PRO A 145 -29.64 17.50 8.25
CA PRO A 145 -29.86 16.42 7.28
C PRO A 145 -29.11 16.58 5.97
N THR A 146 -28.18 17.52 5.90
CA THR A 146 -27.42 17.70 4.66
C THR A 146 -25.98 17.21 4.75
N ILE A 147 -25.48 16.75 5.90
CA ILE A 147 -24.05 16.48 6.00
C ILE A 147 -23.63 15.32 5.09
N PHE A 148 -24.30 14.18 5.20
CA PHE A 148 -23.95 13.07 4.34
C PHE A 148 -24.26 13.41 2.90
N ASP A 149 -25.40 14.06 2.70
N ASP A 149 -25.39 14.07 2.60
CA ASP A 149 -25.81 14.47 1.36
CA ASP A 149 -25.71 14.37 1.20
C ASP A 149 -24.76 15.28 0.64
C ASP A 149 -24.60 15.23 0.59
N GLU A 150 -24.23 16.31 1.31
CA GLU A 150 -23.27 17.21 0.68
C GLU A 150 -21.88 16.62 0.61
N LEU A 151 -21.45 15.86 1.61
CA LEU A 151 -20.09 15.34 1.58
C LEU A 151 -19.95 14.11 0.69
N VAL A 152 -20.90 13.18 0.80
CA VAL A 152 -20.73 11.89 0.14
C VAL A 152 -21.76 11.66 -0.96
N ALA A 153 -23.06 11.82 -0.70
CA ALA A 153 -24.03 11.37 -1.72
C ALA A 153 -23.92 12.20 -2.98
N LYS A 154 -23.64 13.50 -2.86
CA LYS A 154 -23.52 14.33 -4.06
C LYS A 154 -22.19 14.13 -4.76
N ASN A 155 -21.27 13.37 -4.18
CA ASN A 155 -19.94 13.13 -4.72
C ASN A 155 -19.68 11.65 -5.03
N SER A 156 -20.75 10.86 -5.13
CA SER A 156 -20.64 9.44 -5.33
C SER A 156 -22.00 8.87 -5.66
N ASN A 157 -22.06 7.55 -5.87
CA ASN A 157 -23.35 6.88 -5.92
C ASN A 157 -23.67 6.12 -4.63
N LEU A 158 -23.13 6.58 -3.51
CA LEU A 158 -23.38 6.04 -2.19
C LEU A 158 -24.38 6.90 -1.45
N ARG A 159 -25.46 6.29 -0.99
CA ARG A 159 -26.55 7.09 -0.42
C ARG A 159 -27.25 6.29 0.67
N PHE A 160 -27.55 6.93 1.79
CA PHE A 160 -28.41 6.34 2.80
C PHE A 160 -29.87 6.70 2.53
N SER A 161 -30.74 5.73 2.77
N SER A 161 -30.74 5.74 2.78
CA SER A 161 -32.18 6.01 2.80
CA SER A 161 -32.18 5.97 2.85
C SER A 161 -32.62 6.05 4.26
C SER A 161 -32.61 6.04 4.31
N GLU A 162 -33.69 6.77 4.55
CA GLU A 162 -34.13 7.04 5.93
C GLU A 162 -35.54 6.50 6.15
N ASP A 163 -35.78 5.93 7.33
CA ASP A 163 -37.11 5.53 7.74
C ASP A 163 -37.20 5.65 9.27
N ASN A 164 -38.02 6.60 9.71
CA ASN A 164 -38.28 6.79 11.12
C ASN A 164 -37.02 6.80 11.97
N GLY A 165 -36.00 7.52 11.53
CA GLY A 165 -34.81 7.71 12.36
C GLY A 165 -33.72 6.69 12.16
N SER A 166 -33.96 5.66 11.34
CA SER A 166 -32.95 4.68 10.99
C SER A 166 -32.56 4.85 9.52
N TYR A 167 -31.31 4.52 9.23
CA TYR A 167 -30.75 4.74 7.91
C TYR A 167 -30.07 3.49 7.37
N VAL A 168 -30.23 3.24 6.07
CA VAL A 168 -29.63 2.08 5.43
C VAL A 168 -28.95 2.51 4.13
N LEU A 169 -27.70 2.11 3.97
CA LEU A 169 -26.94 2.32 2.74
C LEU A 169 -26.74 0.96 2.06
N ARG A 170 -27.21 0.83 0.82
CA ARG A 170 -26.99 -0.40 0.06
C ARG A 170 -25.80 -0.17 -0.86
N MET A 171 -24.72 -0.89 -0.62
CA MET A 171 -23.54 -0.70 -1.46
C MET A 171 -23.71 -1.22 -2.87
N PRO A 172 -23.26 -0.47 -3.87
CA PRO A 172 -23.02 -1.05 -5.19
C PRO A 172 -21.89 -2.08 -5.07
N SER A 173 -21.81 -2.99 -6.04
CA SER A 173 -20.60 -3.79 -6.16
C SER A 173 -19.40 -2.89 -6.30
N SER A 174 -18.22 -3.39 -5.93
CA SER A 174 -17.05 -2.51 -5.96
C SER A 174 -16.79 -1.95 -7.35
N GLU A 175 -16.99 -2.75 -8.40
CA GLU A 175 -16.79 -2.26 -9.76
C GLU A 175 -17.76 -1.14 -10.11
N ARG A 176 -18.94 -1.11 -9.52
CA ARG A 176 -19.98 -0.13 -9.81
C ARG A 176 -19.90 1.08 -8.89
N ILE A 177 -18.99 1.11 -7.92
CA ILE A 177 -18.88 2.36 -7.12
C ILE A 177 -18.43 3.48 -8.03
N GLU A 178 -19.07 4.63 -7.91
CA GLU A 178 -18.71 5.83 -8.63
C GLU A 178 -18.35 6.94 -7.65
N ILE A 179 -17.21 7.57 -7.87
CA ILE A 179 -16.71 8.63 -6.99
C ILE A 179 -16.36 9.86 -7.83
N ASN A 180 -16.67 11.05 -7.32
CA ASN A 180 -16.23 12.31 -7.91
C ASN A 180 -14.77 12.57 -7.57
N LYS A 181 -13.90 12.33 -8.54
CA LYS A 181 -12.45 12.34 -8.33
C LYS A 181 -11.96 13.74 -8.01
N SER A 182 -12.77 14.79 -8.22
CA SER A 182 -12.34 16.13 -7.85
C SER A 182 -12.46 16.38 -6.35
N LYS A 183 -13.16 15.53 -5.60
N LYS A 183 -13.11 15.45 -5.66
CA LYS A 183 -13.42 15.71 -4.18
CA LYS A 183 -13.48 15.64 -4.27
C LYS A 183 -12.93 14.54 -3.32
C LYS A 183 -13.00 14.55 -3.32
N ILE A 184 -13.10 13.31 -3.78
CA ILE A 184 -12.85 12.13 -2.96
C ILE A 184 -11.93 11.16 -3.65
N MET A 185 -11.13 10.46 -2.85
CA MET A 185 -10.46 9.25 -3.31
C MET A 185 -10.83 8.12 -2.35
N ILE A 186 -11.00 6.94 -2.92
CA ILE A 186 -11.19 5.74 -2.10
C ILE A 186 -10.10 4.74 -2.44
N ARG A 187 -9.84 3.87 -1.47
CA ARG A 187 -8.94 2.74 -1.61
C ARG A 187 -9.57 1.51 -0.98
N SER A 188 -9.07 0.33 -1.36
N SER A 188 -9.09 0.32 -1.32
CA SER A 188 -9.62 -0.90 -0.79
CA SER A 188 -9.72 -0.88 -0.77
C SER A 188 -9.49 -0.92 0.72
C SER A 188 -9.38 -1.12 0.69
N MET A 189 -8.32 -0.52 1.23
CA MET A 189 -8.19 -0.48 2.68
C MET A 189 -7.67 0.88 3.11
N GLU A 190 -8.08 1.20 4.35
CA GLU A 190 -7.79 2.51 4.94
C GLU A 190 -6.29 2.80 4.98
N MET A 191 -5.46 1.77 5.16
CA MET A 191 -4.02 2.03 5.24
C MET A 191 -3.48 2.60 3.95
N GLU A 192 -4.12 2.33 2.82
CA GLU A 192 -3.65 2.89 1.55
C GLU A 192 -3.87 4.39 1.47
N LEU A 193 -4.82 4.91 2.25
CA LEU A 193 -5.09 6.34 2.25
C LEU A 193 -3.93 7.13 2.86
N ILE A 194 -3.16 6.47 3.73
CA ILE A 194 -2.01 7.15 4.35
C ILE A 194 -1.10 7.70 3.26
N HIS A 195 -0.84 6.90 2.22
CA HIS A 195 0.03 7.32 1.13
C HIS A 195 -0.52 8.53 0.39
N LEU A 196 -1.83 8.57 0.21
CA LEU A 196 -2.46 9.67 -0.51
C LEU A 196 -2.41 10.97 0.28
N VAL A 197 -2.55 10.90 1.60
CA VAL A 197 -2.40 12.13 2.39
C VAL A 197 -0.94 12.54 2.41
N GLU A 198 0.00 11.58 2.56
CA GLU A 198 1.43 11.92 2.55
C GLU A 198 1.87 12.53 1.24
N SER A 199 1.28 12.14 0.12
CA SER A 199 1.70 12.69 -1.16
C SER A 199 1.01 14.02 -1.47
N GLY A 200 0.07 14.45 -0.63
CA GLY A 200 -0.70 15.64 -0.93
C GLY A 200 -1.88 15.45 -1.85
N GLU A 201 -2.24 14.21 -2.22
CA GLU A 201 -3.40 13.97 -3.04
C GLU A 201 -4.72 14.11 -2.29
N LEU A 202 -4.66 14.04 -0.97
CA LEU A 202 -5.79 14.26 -0.10
C LEU A 202 -5.40 15.21 1.03
N ASP A 203 -6.34 16.05 1.45
CA ASP A 203 -6.15 16.87 2.64
C ASP A 203 -6.50 16.13 3.93
N TYR A 204 -7.60 15.38 3.91
CA TYR A 204 -8.16 14.75 5.10
C TYR A 204 -8.50 13.29 4.79
N PHE A 205 -8.52 12.46 5.82
CA PHE A 205 -9.04 11.09 5.63
C PHE A 205 -9.67 10.61 6.93
N PHE A 206 -10.73 9.85 6.77
CA PHE A 206 -11.35 9.14 7.88
C PHE A 206 -10.56 7.88 8.17
N ILE A 207 -10.22 7.71 9.46
CA ILE A 207 -9.29 6.66 9.84
C ILE A 207 -9.46 6.36 11.33
N TYR A 208 -8.98 5.20 11.75
CA TYR A 208 -8.93 4.93 13.19
C TYR A 208 -7.94 5.83 13.89
N LYS A 209 -8.30 6.20 15.12
CA LYS A 209 -7.43 6.98 15.99
C LYS A 209 -6.08 6.29 16.19
N SER A 210 -6.08 4.97 16.33
CA SER A 210 -4.80 4.28 16.57
C SER A 210 -3.84 4.49 15.42
N VAL A 211 -4.35 4.39 14.20
CA VAL A 211 -3.51 4.52 13.00
C VAL A 211 -3.05 5.96 12.84
N ALA A 212 -3.92 6.93 13.09
CA ALA A 212 -3.54 8.32 13.02
C ALA A 212 -2.35 8.58 13.95
N LYS A 213 -2.45 8.07 15.18
CA LYS A 213 -1.37 8.26 16.14
C LYS A 213 -0.10 7.53 15.73
N GLN A 214 -0.22 6.30 15.26
CA GLN A 214 0.95 5.52 14.84
C GLN A 214 1.74 6.24 13.75
N HIS A 215 1.04 6.90 12.84
CA HIS A 215 1.65 7.49 11.66
C HIS A 215 1.86 9.00 11.82
N GLY A 216 1.62 9.53 13.01
CA GLY A 216 1.98 10.90 13.32
C GLY A 216 1.09 11.95 12.70
N PHE A 217 -0.15 11.59 12.32
CA PHE A 217 -1.08 12.56 11.77
C PHE A 217 -1.76 13.38 12.86
N ASN A 218 -2.09 14.63 12.52
CA ASN A 218 -3.06 15.34 13.33
C ASN A 218 -4.43 14.71 13.16
N PHE A 219 -5.33 14.93 14.11
CA PHE A 219 -6.70 14.48 13.90
C PHE A 219 -7.67 15.30 14.74
N VAL A 220 -8.88 15.38 14.20
CA VAL A 220 -10.06 15.89 14.91
C VAL A 220 -10.80 14.72 15.51
N GLU A 221 -11.11 14.77 16.80
CA GLU A 221 -12.01 13.79 17.38
C GLU A 221 -13.44 14.19 17.02
N LEU A 222 -14.17 13.21 16.56
CA LEU A 222 -15.59 13.36 16.24
C LEU A 222 -16.39 13.07 17.50
N PRO A 223 -17.61 13.57 17.62
CA PRO A 223 -18.40 13.27 18.83
C PRO A 223 -18.47 11.79 19.15
N VAL A 224 -18.42 11.46 20.43
CA VAL A 224 -18.59 10.07 20.84
C VAL A 224 -19.91 9.50 20.37
N GLU A 225 -20.90 10.37 20.15
CA GLU A 225 -22.21 9.96 19.65
C GLU A 225 -22.18 9.49 18.20
N ILE A 226 -21.08 9.70 17.48
CA ILE A 226 -21.00 9.28 16.07
C ILE A 226 -19.76 8.45 15.76
N ASP A 227 -18.79 8.34 16.66
CA ASP A 227 -17.45 7.87 16.25
C ASP A 227 -17.23 6.37 16.52
N LEU A 228 -18.26 5.67 16.95
CA LEU A 228 -18.33 4.22 17.06
C LEU A 228 -17.37 3.68 18.11
N SER A 229 -16.94 4.52 19.06
CA SER A 229 -15.89 4.08 19.98
C SER A 229 -16.39 3.44 21.27
N SER A 230 -17.54 3.87 21.78
CA SER A 230 -17.90 3.60 23.17
C SER A 230 -19.07 2.65 23.31
N PRO A 231 -18.97 1.64 24.18
CA PRO A 231 -20.12 0.74 24.37
C PRO A 231 -21.33 1.48 24.93
N ASP A 232 -21.13 2.62 25.58
CA ASP A 232 -22.23 3.34 26.20
C ASP A 232 -23.12 4.08 25.19
N TYR A 233 -22.69 4.15 23.94
CA TYR A 233 -23.46 4.80 22.88
C TYR A 233 -23.95 3.83 21.82
N ALA A 234 -23.95 2.55 22.13
CA ALA A 234 -24.39 1.52 21.16
C ALA A 234 -25.78 1.79 20.62
N GLU A 235 -26.69 2.28 21.44
CA GLU A 235 -28.05 2.51 20.94
C GLU A 235 -28.03 3.63 19.90
N LEU A 236 -27.24 4.69 20.03
CA LEU A 236 -27.15 5.68 18.96
C LEU A 236 -26.51 5.10 17.72
N TYR A 237 -25.43 4.34 17.86
CA TYR A 237 -24.71 3.81 16.70
C TYR A 237 -25.58 2.90 15.83
N SER A 238 -26.51 2.19 16.48
CA SER A 238 -27.30 1.18 15.79
C SER A 238 -28.33 1.77 14.84
N LYS A 239 -28.44 3.08 14.75
CA LYS A 239 -29.43 3.69 13.86
C LYS A 239 -28.96 3.73 12.41
N VAL A 240 -27.72 3.30 12.14
CA VAL A 240 -27.23 3.21 10.76
C VAL A 240 -26.83 1.77 10.44
N LYS A 241 -27.07 1.37 9.18
CA LYS A 241 -26.73 0.05 8.69
C LYS A 241 -26.21 0.16 7.26
N VAL A 242 -25.24 -0.68 6.93
CA VAL A 242 -24.73 -0.77 5.55
C VAL A 242 -24.89 -2.20 5.09
N VAL A 243 -25.50 -2.35 3.90
CA VAL A 243 -25.61 -3.66 3.27
C VAL A 243 -24.47 -3.74 2.27
N LEU A 244 -23.49 -4.58 2.56
CA LEU A 244 -22.33 -4.72 1.68
C LEU A 244 -22.74 -5.40 0.38
N ALA A 245 -21.94 -5.26 -0.68
CA ALA A 245 -22.34 -5.84 -1.96
C ALA A 245 -22.47 -7.35 -1.92
N ASN A 246 -21.77 -8.02 -1.00
CA ASN A 246 -21.95 -9.47 -0.88
C ASN A 246 -23.21 -9.85 -0.11
N GLY A 247 -24.05 -8.87 0.24
CA GLY A 247 -25.33 -9.07 0.88
C GLY A 247 -25.27 -9.11 2.39
N LYS A 248 -24.08 -9.06 3.00
CA LYS A 248 -23.98 -9.06 4.47
C LYS A 248 -24.40 -7.70 4.97
N GLU A 249 -25.05 -7.66 6.12
CA GLU A 249 -25.54 -6.39 6.66
C GLU A 249 -24.80 -6.10 7.95
N VAL A 250 -24.18 -4.93 7.99
CA VAL A 250 -23.43 -4.50 9.17
C VAL A 250 -24.15 -3.29 9.76
N THR A 251 -24.41 -3.36 11.07
CA THR A 251 -25.05 -2.27 11.81
C THR A 251 -24.01 -1.44 12.53
N GLY A 252 -24.22 -0.14 12.69
CA GLY A 252 -23.30 0.64 13.54
C GLY A 252 -23.22 0.05 14.94
N LYS A 253 -22.00 -0.22 15.40
CA LYS A 253 -21.71 -0.90 16.66
C LYS A 253 -20.40 -0.33 17.21
N PRO A 254 -20.22 -0.37 18.52
CA PRO A 254 -18.90 -0.06 19.09
C PRO A 254 -17.84 -0.92 18.43
N ILE A 255 -16.71 -0.30 18.10
CA ILE A 255 -15.65 -1.00 17.37
C ILE A 255 -14.97 -2.02 18.27
N VAL A 256 -15.02 -3.29 17.85
CA VAL A 256 -14.41 -4.41 18.57
C VAL A 256 -13.80 -5.35 17.54
N TYR A 257 -12.52 -5.66 17.71
CA TYR A 257 -11.82 -6.54 16.76
C TYR A 257 -12.09 -8.01 17.10
N GLY A 258 -11.80 -8.91 16.16
CA GLY A 258 -11.99 -10.32 16.38
C GLY A 258 -10.86 -11.15 15.77
N ILE A 259 -10.68 -12.35 16.33
CA ILE A 259 -9.65 -13.27 15.86
C ILE A 259 -10.20 -14.69 15.84
N THR A 260 -9.73 -15.47 14.87
CA THR A 260 -10.06 -16.87 14.75
C THR A 260 -8.91 -17.65 14.13
N ILE A 261 -9.00 -18.96 14.23
CA ILE A 261 -8.16 -19.91 13.52
C ILE A 261 -9.04 -20.61 12.48
N PRO A 262 -8.77 -20.46 11.21
CA PRO A 262 -9.63 -21.11 10.21
C PRO A 262 -9.56 -22.63 10.34
N LYS A 263 -10.63 -23.27 9.86
CA LYS A 263 -10.73 -24.73 9.90
C LYS A 263 -9.62 -25.39 9.08
N ASN A 264 -9.12 -24.71 8.06
CA ASN A 264 -8.09 -25.29 7.19
C ASN A 264 -6.67 -24.88 7.57
N ALA A 265 -6.48 -24.32 8.77
CA ALA A 265 -5.14 -23.97 9.21
C ALA A 265 -4.18 -25.15 9.10
N GLU A 266 -2.98 -24.92 8.57
CA GLU A 266 -1.99 -25.97 8.50
C GLU A 266 -1.16 -26.13 9.76
N ASN A 267 -1.07 -25.10 10.59
CA ASN A 267 -0.19 -25.05 11.75
C ASN A 267 -1.00 -24.73 13.00
N ARG A 268 -1.98 -25.61 13.31
CA ARG A 268 -3.01 -25.28 14.27
C ARG A 268 -2.43 -25.05 15.66
N GLU A 269 -1.53 -25.92 16.09
CA GLU A 269 -0.94 -25.82 17.42
C GLU A 269 -0.25 -24.49 17.63
N LEU A 270 0.57 -24.06 16.68
CA LEU A 270 1.21 -22.76 16.79
C LEU A 270 0.21 -21.61 16.67
N ALA A 271 -0.82 -21.78 15.85
CA ALA A 271 -1.87 -20.77 15.70
C ALA A 271 -2.54 -20.54 17.06
N VAL A 272 -2.78 -21.60 17.81
CA VAL A 272 -3.36 -21.45 19.14
C VAL A 272 -2.45 -20.61 20.02
N GLU A 273 -1.15 -20.90 19.98
CA GLU A 273 -0.23 -20.07 20.76
C GLU A 273 -0.19 -18.62 20.30
N PHE A 274 -0.31 -18.36 18.99
CA PHE A 274 -0.31 -16.98 18.53
C PHE A 274 -1.56 -16.24 19.01
N VAL A 275 -2.72 -16.91 18.92
CA VAL A 275 -3.96 -16.29 19.39
C VAL A 275 -3.83 -15.99 20.88
N LYS A 276 -3.25 -16.93 21.64
CA LYS A 276 -3.08 -16.69 23.07
C LYS A 276 -2.23 -15.45 23.32
N LEU A 277 -1.16 -15.25 22.56
CA LEU A 277 -0.37 -14.04 22.69
C LEU A 277 -1.19 -12.78 22.42
N VAL A 278 -1.96 -12.80 21.32
CA VAL A 278 -2.72 -11.57 21.00
C VAL A 278 -3.65 -11.18 22.14
N ILE A 279 -4.34 -12.15 22.75
CA ILE A 279 -5.40 -11.79 23.72
C ILE A 279 -4.89 -11.74 25.14
N SER A 280 -3.64 -12.16 25.37
CA SER A 280 -2.97 -12.13 26.66
C SER A 280 -2.79 -10.70 27.18
N GLU A 281 -2.40 -10.62 28.45
CA GLU A 281 -2.09 -9.29 28.98
C GLU A 281 -0.94 -8.66 28.19
N GLU A 282 0.05 -9.46 27.79
CA GLU A 282 1.11 -8.90 26.95
C GLU A 282 0.58 -8.35 25.65
N GLY A 283 -0.36 -9.07 25.03
CA GLY A 283 -0.95 -8.59 23.77
C GLY A 283 -1.79 -7.34 23.96
N GLN A 284 -2.53 -7.27 25.06
CA GLN A 284 -3.32 -6.07 25.38
C GLN A 284 -2.42 -4.87 25.51
N GLU A 285 -1.25 -5.05 26.14
CA GLU A 285 -0.31 -3.94 26.29
C GLU A 285 0.32 -3.54 24.96
N ILE A 286 0.62 -4.50 24.09
CA ILE A 286 1.15 -4.15 22.77
C ILE A 286 0.14 -3.25 22.05
N LEU A 287 -1.12 -3.66 22.11
CA LEU A 287 -2.18 -2.93 21.42
C LEU A 287 -2.39 -1.58 22.07
N ARG A 288 -2.37 -1.52 23.41
N ARG A 288 -2.37 -1.52 23.41
CA ARG A 288 -2.62 -0.26 24.10
CA ARG A 288 -2.62 -0.26 24.10
C ARG A 288 -1.53 0.75 23.79
C ARG A 288 -1.54 0.75 23.78
N GLU A 289 -0.28 0.31 23.79
CA GLU A 289 0.84 1.20 23.46
C GLU A 289 0.72 1.77 22.05
N LEU A 290 0.07 1.03 21.17
CA LEU A 290 -0.14 1.44 19.78
C LEU A 290 -1.49 2.10 19.58
N GLY A 291 -2.24 2.39 20.64
CA GLY A 291 -3.40 3.24 20.51
C GLY A 291 -4.75 2.56 20.54
N GLN A 292 -4.81 1.27 20.81
CA GLN A 292 -6.08 0.56 20.91
C GLN A 292 -6.32 0.07 22.34
N GLU A 293 -7.33 0.59 23.00
CA GLU A 293 -7.63 0.19 24.37
C GLU A 293 -8.28 -1.18 24.40
N PRO A 294 -8.07 -1.90 25.52
CA PRO A 294 -8.64 -3.24 25.65
C PRO A 294 -10.13 -3.21 25.99
N LEU A 295 -10.83 -4.31 25.69
CA LEU A 295 -12.15 -4.55 26.27
C LEU A 295 -12.12 -4.56 27.79
N VAL B 5 20.07 10.40 19.00
CA VAL B 5 20.34 10.86 17.65
C VAL B 5 19.56 10.03 16.64
N LYS B 6 18.87 10.71 15.73
CA LYS B 6 18.05 10.11 14.69
C LYS B 6 18.70 10.29 13.33
N LEU B 7 18.97 9.16 12.68
CA LEU B 7 19.56 9.15 11.36
C LEU B 7 18.48 8.96 10.30
N LYS B 8 18.32 9.92 9.40
CA LYS B 8 17.16 9.87 8.51
C LYS B 8 17.58 9.27 7.16
N VAL B 9 16.96 8.15 6.84
CA VAL B 9 17.30 7.42 5.62
C VAL B 9 16.05 7.31 4.75
N PHE B 10 16.02 7.99 3.61
CA PHE B 10 14.87 8.00 2.73
C PHE B 10 15.25 7.13 1.52
N HIS B 11 14.44 6.13 1.21
CA HIS B 11 14.89 5.10 0.27
C HIS B 11 13.74 4.57 -0.61
N ALA B 12 14.17 4.09 -1.78
CA ALA B 12 13.36 3.33 -2.70
C ALA B 12 12.52 2.27 -2.00
N GLY B 13 11.28 2.08 -2.45
CA GLY B 13 10.45 1.07 -1.83
C GLY B 13 11.05 -0.31 -1.86
N SER B 14 11.72 -0.66 -2.96
CA SER B 14 12.26 -2.03 -3.04
C SER B 14 13.39 -2.28 -2.05
N LEU B 15 13.90 -1.24 -1.40
CA LEU B 15 14.90 -1.44 -0.36
C LEU B 15 14.27 -1.65 1.01
N THR B 16 12.96 -1.76 1.11
CA THR B 16 12.30 -1.89 2.42
C THR B 16 12.83 -3.07 3.24
N GLU B 17 12.91 -4.28 2.66
CA GLU B 17 13.38 -5.41 3.44
C GLU B 17 14.87 -5.30 3.74
N PRO B 18 15.75 -5.00 2.80
CA PRO B 18 17.16 -4.75 3.17
C PRO B 18 17.31 -3.72 4.29
N MET B 19 16.51 -2.67 4.27
CA MET B 19 16.62 -1.60 5.26
C MET B 19 16.27 -2.09 6.66
N LYS B 20 15.40 -3.07 6.81
CA LYS B 20 15.17 -3.62 8.15
C LYS B 20 16.47 -4.18 8.71
N ALA B 21 17.20 -4.87 7.83
CA ALA B 21 18.46 -5.49 8.23
C ALA B 21 19.55 -4.45 8.42
N PHE B 22 19.63 -3.44 7.56
CA PHE B 22 20.63 -2.38 7.76
C PHE B 22 20.35 -1.63 9.07
N LYS B 23 19.07 -1.35 9.35
CA LYS B 23 18.72 -0.66 10.60
C LYS B 23 19.18 -1.44 11.81
N ARG B 24 18.86 -2.74 11.82
CA ARG B 24 19.25 -3.57 12.95
C ARG B 24 20.76 -3.64 13.13
N ALA B 25 21.49 -3.92 12.06
CA ALA B 25 22.94 -3.94 12.18
C ALA B 25 23.51 -2.60 12.65
N PHE B 26 23.03 -1.50 12.09
CA PHE B 26 23.57 -0.18 12.40
C PHE B 26 23.33 0.15 13.88
N GLU B 27 22.12 -0.16 14.33
CA GLU B 27 21.75 0.15 15.71
C GLU B 27 22.53 -0.73 16.68
N GLU B 28 22.85 -1.96 16.25
CA GLU B 28 23.63 -2.84 17.13
C GLU B 28 25.01 -2.26 17.39
N LYS B 29 25.59 -1.59 16.40
CA LYS B 29 26.94 -1.05 16.52
C LYS B 29 26.93 0.38 17.04
N HIS B 30 25.86 1.13 16.82
CA HIS B 30 25.69 2.50 17.27
C HIS B 30 24.48 2.60 18.19
N PRO B 31 24.74 2.38 19.48
CA PRO B 31 23.69 2.10 20.45
C PRO B 31 22.76 3.29 20.69
N ASN B 32 23.27 4.50 20.54
CA ASN B 32 22.47 5.68 20.86
C ASN B 32 21.86 6.31 19.61
N VAL B 33 21.83 5.55 18.52
CA VAL B 33 21.25 6.02 17.26
C VAL B 33 19.93 5.32 16.96
N GLU B 34 18.92 6.06 16.53
CA GLU B 34 17.72 5.46 15.92
C GLU B 34 17.71 5.78 14.42
N VAL B 35 17.74 4.74 13.61
CA VAL B 35 17.62 4.92 12.16
C VAL B 35 16.15 5.03 11.80
N GLN B 36 15.79 6.20 11.29
CA GLN B 36 14.44 6.47 10.85
C GLN B 36 14.38 6.34 9.32
N THR B 37 13.67 5.30 8.89
CA THR B 37 13.64 4.97 7.48
C THR B 37 12.27 5.40 6.92
N GLU B 38 12.24 5.85 5.68
CA GLU B 38 11.01 6.19 4.98
C GLU B 38 11.10 5.60 3.56
N ALA B 39 10.11 4.80 3.18
CA ALA B 39 10.04 4.16 1.87
C ALA B 39 9.15 4.98 0.93
N ALA B 40 9.60 5.21 -0.28
CA ALA B 40 8.78 5.81 -1.32
C ALA B 40 9.46 5.54 -2.66
N GLY B 41 8.69 5.63 -3.74
CA GLY B 41 9.30 5.52 -5.06
C GLY B 41 10.49 6.46 -5.16
N SER B 42 11.54 6.03 -5.85
CA SER B 42 12.79 6.77 -5.73
C SER B 42 12.68 8.24 -6.14
N ALA B 43 11.91 8.56 -7.17
CA ALA B 43 11.78 9.98 -7.53
C ALA B 43 11.04 10.77 -6.44
N ALA B 44 9.99 10.19 -5.88
CA ALA B 44 9.29 10.81 -4.75
C ALA B 44 10.21 10.95 -3.55
N THR B 45 11.04 9.94 -3.31
CA THR B 45 12.05 9.96 -2.23
C THR B 45 12.94 11.17 -2.40
N ILE B 46 13.46 11.34 -3.62
CA ILE B 46 14.41 12.45 -3.84
C ILE B 46 13.70 13.79 -3.71
N ARG B 47 12.47 13.92 -4.20
N ARG B 47 12.47 13.89 -4.20
CA ARG B 47 11.77 15.21 -4.10
CA ARG B 47 11.68 15.11 -4.10
C ARG B 47 11.56 15.63 -2.65
C ARG B 47 11.54 15.61 -2.67
N LYS B 48 11.57 14.72 -1.68
CA LYS B 48 11.52 15.14 -0.28
C LYS B 48 12.62 16.14 0.03
N VAL B 49 13.79 15.91 -0.56
CA VAL B 49 14.93 16.79 -0.39
C VAL B 49 14.93 17.92 -1.42
N THR B 50 14.64 17.64 -2.68
CA THR B 50 14.88 18.63 -3.74
C THR B 50 13.70 19.59 -3.92
N GLU B 51 12.52 19.22 -3.41
CA GLU B 51 11.36 20.10 -3.58
C GLU B 51 10.67 20.43 -2.27
N LEU B 52 10.70 19.54 -1.29
CA LEU B 52 9.87 19.71 -0.10
C LEU B 52 10.67 20.23 1.08
N GLY B 53 11.96 20.49 0.90
CA GLY B 53 12.72 21.13 1.97
C GLY B 53 13.08 20.25 3.14
N ARG B 54 12.93 18.93 3.04
CA ARG B 54 13.24 18.05 4.16
C ARG B 54 14.72 17.65 4.17
N LYS B 55 15.21 17.34 5.36
CA LYS B 55 16.62 16.97 5.53
C LYS B 55 16.72 15.46 5.73
N ALA B 56 17.43 14.81 4.82
CA ALA B 56 17.80 13.42 4.97
C ALA B 56 19.31 13.32 5.15
N ASP B 57 19.72 12.30 5.89
CA ASP B 57 21.13 11.96 6.01
C ASP B 57 21.62 11.03 4.90
N VAL B 58 20.72 10.15 4.44
CA VAL B 58 21.05 9.19 3.40
C VAL B 58 19.88 9.10 2.41
N ILE B 59 20.18 9.13 1.14
CA ILE B 59 19.19 8.92 0.07
C ILE B 59 19.64 7.67 -0.70
N ALA B 60 18.72 6.73 -0.87
CA ALA B 60 19.02 5.52 -1.64
C ALA B 60 17.93 5.33 -2.69
N THR B 61 18.36 5.17 -3.93
CA THR B 61 17.50 5.09 -5.11
C THR B 61 17.68 3.77 -5.83
N ALA B 62 16.60 3.27 -6.43
CA ALA B 62 16.63 2.07 -7.25
C ALA B 62 17.25 2.33 -8.62
N ASP B 63 17.42 3.61 -8.97
CA ASP B 63 18.07 4.00 -10.23
C ASP B 63 19.08 5.07 -9.87
N TYR B 64 20.37 4.72 -9.88
CA TYR B 64 21.39 5.68 -9.43
C TYR B 64 21.32 6.99 -10.20
N THR B 65 20.86 6.97 -11.46
CA THR B 65 20.96 8.17 -12.28
C THR B 65 20.05 9.27 -11.76
N LEU B 66 19.03 8.92 -10.97
CA LEU B 66 18.14 9.98 -10.50
C LEU B 66 18.83 10.92 -9.53
N ILE B 67 19.88 10.46 -8.84
CA ILE B 67 20.58 11.37 -7.93
C ILE B 67 21.26 12.48 -8.73
N GLN B 68 22.05 12.14 -9.73
CA GLN B 68 22.66 13.15 -10.58
C GLN B 68 21.59 14.04 -11.25
N LYS B 69 20.59 13.41 -11.84
CA LYS B 69 19.61 14.17 -12.62
C LYS B 69 18.81 15.14 -11.77
N MET B 70 18.47 14.76 -10.54
CA MET B 70 17.55 15.55 -9.74
C MET B 70 18.22 16.33 -8.62
N MET B 71 19.38 15.91 -8.12
CA MET B 71 19.94 16.53 -6.93
C MET B 71 21.18 17.38 -7.19
N TYR B 72 21.89 17.16 -8.30
CA TYR B 72 23.13 17.94 -8.51
C TYR B 72 22.80 19.31 -9.10
N PRO B 73 23.51 20.37 -8.72
CA PRO B 73 24.52 20.40 -7.66
C PRO B 73 24.02 20.85 -6.30
N GLU B 74 22.77 21.27 -6.13
CA GLU B 74 22.37 21.96 -4.91
C GLU B 74 22.30 21.00 -3.73
N PHE B 75 21.85 19.76 -3.94
CA PHE B 75 21.59 18.86 -2.82
C PHE B 75 22.50 17.64 -2.76
N ALA B 76 23.27 17.33 -3.80
CA ALA B 76 24.26 16.27 -3.78
C ALA B 76 25.28 16.57 -4.87
N ASN B 77 26.43 15.92 -4.77
CA ASN B 77 27.40 16.00 -5.86
C ASN B 77 28.17 14.70 -6.06
N TRP B 78 27.77 13.60 -5.44
CA TRP B 78 28.36 12.30 -5.74
C TRP B 78 27.30 11.21 -5.54
N THR B 79 27.54 10.08 -6.18
CA THR B 79 26.70 8.89 -6.07
C THR B 79 27.59 7.65 -5.94
N ILE B 80 27.21 6.71 -5.08
CA ILE B 80 27.81 5.37 -5.13
C ILE B 80 26.81 4.39 -5.71
N MET B 81 27.25 3.67 -6.74
CA MET B 81 26.44 2.60 -7.35
C MET B 81 26.61 1.32 -6.56
N PHE B 82 25.55 0.58 -6.20
N PHE B 82 25.50 0.63 -6.32
CA PHE B 82 25.84 -0.48 -5.21
CA PHE B 82 25.51 -0.69 -5.72
C PHE B 82 25.02 -1.76 -5.35
C PHE B 82 24.29 -1.50 -6.12
N ALA B 83 24.04 -1.95 -6.23
N ALA B 83 24.44 -2.82 -6.11
CA ALA B 83 23.35 -3.24 -6.34
CA ALA B 83 23.30 -3.73 -6.18
C ALA B 83 22.70 -3.51 -7.70
C ALA B 83 22.52 -3.54 -7.48
N LYS B 84 22.13 -4.69 -8.00
CA LYS B 84 21.42 -4.89 -9.24
C LYS B 84 19.98 -5.33 -8.96
N ASN B 85 19.17 -5.43 -10.02
CA ASN B 85 17.87 -6.09 -9.91
C ASN B 85 17.40 -6.44 -11.32
N GLN B 86 16.15 -6.89 -11.42
CA GLN B 86 15.64 -7.54 -12.61
C GLN B 86 14.12 -7.39 -12.64
N ILE B 87 13.51 -6.98 -13.75
CA ILE B 87 12.04 -6.92 -13.80
C ILE B 87 11.46 -8.28 -14.16
N VAL B 88 10.45 -8.71 -13.38
CA VAL B 88 9.72 -9.94 -13.64
C VAL B 88 8.21 -9.63 -13.61
N LEU B 89 7.42 -10.61 -14.03
CA LEU B 89 5.96 -10.51 -13.98
C LEU B 89 5.44 -11.49 -12.92
N ALA B 90 5.02 -10.97 -11.76
CA ALA B 90 4.71 -11.80 -10.62
C ALA B 90 3.20 -12.02 -10.45
N TYR B 91 2.88 -13.12 -9.77
CA TYR B 91 1.49 -13.54 -9.61
C TYR B 91 1.39 -14.52 -8.44
N ARG B 92 0.15 -14.83 -8.08
CA ARG B 92 -0.10 -15.85 -7.05
C ARG B 92 -0.69 -17.11 -7.69
N ASN B 93 -0.71 -18.23 -6.96
CA ASN B 93 -1.24 -19.47 -7.52
C ASN B 93 -2.67 -19.33 -8.02
N ASP B 94 -3.46 -18.50 -7.35
CA ASP B 94 -4.87 -18.29 -7.68
C ASP B 94 -5.09 -17.23 -8.75
N SER B 95 -4.05 -16.54 -9.23
CA SER B 95 -4.25 -15.53 -10.26
C SER B 95 -4.89 -16.14 -11.52
N ARG B 96 -5.68 -15.32 -12.22
CA ARG B 96 -6.30 -15.83 -13.43
C ARG B 96 -5.24 -16.35 -14.41
N TYR B 97 -5.44 -17.58 -14.86
CA TYR B 97 -4.62 -18.25 -15.86
C TYR B 97 -3.19 -18.50 -15.35
N ALA B 98 -3.00 -18.48 -14.03
CA ALA B 98 -1.70 -18.82 -13.45
C ALA B 98 -1.20 -20.18 -13.91
N ASP B 99 -2.11 -21.14 -14.12
CA ASP B 99 -1.71 -22.48 -14.52
C ASP B 99 -1.25 -22.54 -15.97
N GLU B 100 -1.43 -21.49 -16.73
CA GLU B 100 -1.19 -21.43 -18.17
C GLU B 100 0.00 -20.55 -18.53
N ILE B 101 0.24 -19.49 -17.75
CA ILE B 101 1.18 -18.47 -18.18
C ILE B 101 2.61 -18.98 -18.13
N ASN B 102 3.39 -18.50 -19.11
CA ASN B 102 4.81 -18.86 -19.17
C ASN B 102 5.55 -17.78 -19.96
N SER B 103 6.85 -17.97 -20.15
N SER B 103 6.85 -17.96 -20.13
CA SER B 103 7.66 -16.94 -20.78
CA SER B 103 7.67 -16.93 -20.74
C SER B 103 7.33 -16.75 -22.25
C SER B 103 7.42 -16.81 -22.25
N GLN B 104 6.70 -17.74 -22.86
CA GLN B 104 6.34 -17.65 -24.27
C GLN B 104 4.98 -17.03 -24.53
N ASN B 105 4.07 -17.02 -23.56
CA ASN B 105 2.72 -16.51 -23.82
C ASN B 105 2.34 -15.35 -22.92
N TRP B 106 3.26 -14.82 -22.09
CA TRP B 106 2.82 -13.92 -21.02
C TRP B 106 2.05 -12.71 -21.54
N TYR B 107 2.52 -12.15 -22.66
CA TYR B 107 1.87 -10.92 -23.12
C TYR B 107 0.55 -11.23 -23.80
N GLU B 108 0.32 -12.46 -24.26
CA GLU B 108 -0.99 -12.86 -24.76
C GLU B 108 -1.96 -13.06 -23.60
N ILE B 109 -1.50 -13.65 -22.50
CA ILE B 109 -2.36 -13.82 -21.33
C ILE B 109 -2.79 -12.45 -20.79
N LEU B 110 -1.86 -11.49 -20.72
CA LEU B 110 -2.18 -10.18 -20.17
C LEU B 110 -3.16 -9.42 -21.06
N LYS B 111 -3.37 -9.81 -22.31
CA LYS B 111 -4.36 -9.18 -23.18
C LYS B 111 -5.78 -9.68 -22.94
N ARG B 112 -5.94 -10.77 -22.21
CA ARG B 112 -7.30 -11.29 -22.00
C ARG B 112 -8.14 -10.30 -21.19
N PRO B 113 -9.39 -10.11 -21.51
CA PRO B 113 -10.15 -9.00 -20.90
C PRO B 113 -10.34 -9.12 -19.40
N ASP B 114 -10.34 -10.35 -18.89
CA ASP B 114 -10.56 -10.58 -17.46
C ASP B 114 -9.28 -10.48 -16.64
N VAL B 115 -8.11 -10.37 -17.29
CA VAL B 115 -6.86 -10.32 -16.55
C VAL B 115 -6.50 -8.89 -16.17
N ARG B 116 -6.24 -8.67 -14.87
CA ARG B 116 -5.91 -7.34 -14.38
C ARG B 116 -4.43 -7.32 -13.96
N PHE B 117 -3.72 -6.25 -14.33
CA PHE B 117 -2.31 -6.19 -13.96
C PHE B 117 -1.95 -4.78 -13.48
N GLY B 118 -0.84 -4.74 -12.73
CA GLY B 118 -0.40 -3.48 -12.15
C GLY B 118 1.05 -3.14 -12.45
N PHE B 119 1.31 -1.83 -12.38
CA PHE B 119 2.68 -1.32 -12.37
C PHE B 119 2.61 -0.02 -11.56
N SER B 120 3.76 0.43 -11.07
CA SER B 120 3.73 1.65 -10.25
C SER B 120 3.85 2.89 -11.13
N ASN B 121 3.68 4.03 -10.48
CA ASN B 121 3.64 5.31 -11.19
C ASN B 121 5.03 5.70 -11.69
N PRO B 122 5.25 5.73 -13.01
CA PRO B 122 6.59 6.08 -13.53
C PRO B 122 7.09 7.43 -13.06
N ASN B 123 6.20 8.39 -12.75
CA ASN B 123 6.65 9.70 -12.31
C ASN B 123 7.28 9.66 -10.92
N ASP B 124 6.94 8.65 -10.14
CA ASP B 124 7.41 8.50 -8.77
C ASP B 124 8.46 7.40 -8.58
N ASP B 125 8.46 6.38 -9.44
CA ASP B 125 9.11 5.12 -9.08
C ASP B 125 9.80 4.48 -10.28
N PRO B 126 11.11 4.26 -10.20
CA PRO B 126 11.81 3.51 -11.27
C PRO B 126 11.12 2.20 -11.64
N CYS B 127 10.59 1.44 -10.68
CA CYS B 127 10.00 0.17 -11.08
C CYS B 127 8.91 0.41 -12.13
N GLY B 128 8.19 1.53 -11.97
CA GLY B 128 7.11 1.85 -12.88
C GLY B 128 7.61 2.21 -14.27
N TYR B 129 8.58 3.12 -14.36
CA TYR B 129 9.06 3.42 -15.71
C TYR B 129 9.78 2.22 -16.34
N ARG B 130 10.46 1.43 -15.50
CA ARG B 130 11.12 0.23 -16.02
C ARG B 130 10.13 -0.80 -16.52
N SER B 131 8.96 -0.87 -15.89
CA SER B 131 7.93 -1.80 -16.35
C SER B 131 7.46 -1.42 -17.76
N LEU B 132 7.21 -0.13 -17.94
CA LEU B 132 6.82 0.31 -19.28
C LEU B 132 7.94 0.11 -20.30
N MET B 133 9.17 0.38 -19.90
CA MET B 133 10.31 0.13 -20.77
C MET B 133 10.38 -1.34 -21.17
N ALA B 134 10.22 -2.25 -20.22
CA ALA B 134 10.30 -3.68 -20.56
C ALA B 134 9.21 -4.09 -21.55
N ILE B 135 7.99 -3.59 -21.37
CA ILE B 135 6.90 -3.93 -22.31
C ILE B 135 7.22 -3.40 -23.70
N GLN B 136 7.75 -2.17 -23.79
CA GLN B 136 8.11 -1.67 -25.12
C GLN B 136 9.31 -2.43 -25.70
N LEU B 137 10.31 -2.76 -24.89
CA LEU B 137 11.42 -3.57 -25.40
C LEU B 137 10.92 -4.93 -25.90
N ALA B 138 9.87 -5.46 -25.31
CA ALA B 138 9.29 -6.71 -25.81
C ALA B 138 8.89 -6.60 -27.28
N GLU B 139 8.40 -5.43 -27.71
CA GLU B 139 8.07 -5.32 -29.14
C GLU B 139 9.27 -5.56 -30.03
N LEU B 140 10.43 -5.11 -29.58
CA LEU B 140 11.65 -5.28 -30.37
C LEU B 140 12.13 -6.72 -30.25
N TYR B 141 12.12 -7.27 -29.05
CA TYR B 141 12.64 -8.64 -28.88
C TYR B 141 11.78 -9.65 -29.62
N TYR B 142 10.46 -9.54 -29.51
CA TYR B 142 9.53 -10.50 -30.08
C TYR B 142 9.12 -10.11 -31.50
N ASN B 143 9.60 -8.96 -31.96
N ASN B 143 9.59 -8.98 -32.01
CA ASN B 143 9.27 -8.47 -33.30
CA ASN B 143 9.21 -8.53 -33.36
C ASN B 143 7.75 -8.42 -33.47
C ASN B 143 7.68 -8.49 -33.47
N ASP B 144 7.08 -7.82 -32.50
CA ASP B 144 5.63 -7.69 -32.45
C ASP B 144 5.28 -6.26 -32.06
N PRO B 145 4.90 -5.44 -33.04
CA PRO B 145 4.74 -4.00 -32.75
C PRO B 145 3.42 -3.66 -32.09
N THR B 146 2.67 -4.65 -31.63
CA THR B 146 1.39 -4.35 -30.97
C THR B 146 1.41 -4.61 -29.47
N ILE B 147 2.48 -5.14 -28.88
CA ILE B 147 2.44 -5.53 -27.46
C ILE B 147 2.17 -4.34 -26.54
N PHE B 148 2.94 -3.24 -26.68
CA PHE B 148 2.68 -2.08 -25.80
C PHE B 148 1.32 -1.49 -26.12
N ASP B 149 0.98 -1.46 -27.42
CA ASP B 149 -0.31 -0.87 -27.77
C ASP B 149 -1.45 -1.63 -27.11
N GLU B 150 -1.40 -2.96 -27.17
CA GLU B 150 -2.53 -3.75 -26.70
C GLU B 150 -2.58 -3.81 -25.18
N LEU B 151 -1.42 -3.82 -24.52
CA LEU B 151 -1.41 -3.94 -23.06
C LEU B 151 -1.59 -2.61 -22.36
N VAL B 152 -0.90 -1.59 -22.86
CA VAL B 152 -0.85 -0.32 -22.12
C VAL B 152 -1.52 0.81 -22.88
N ALA B 153 -1.15 1.04 -24.14
CA ALA B 153 -1.64 2.28 -24.78
C ALA B 153 -3.14 2.25 -24.95
N LYS B 154 -3.71 1.08 -25.25
CA LYS B 154 -5.17 1.02 -25.40
C LYS B 154 -5.90 1.06 -24.06
N ASN B 155 -5.18 0.97 -22.96
CA ASN B 155 -5.76 0.92 -21.62
C ASN B 155 -5.36 2.14 -20.80
N SER B 156 -4.85 3.17 -21.43
CA SER B 156 -4.36 4.34 -20.70
C SER B 156 -4.12 5.50 -21.66
N ASN B 157 -3.63 6.60 -21.11
CA ASN B 157 -3.14 7.67 -21.98
C ASN B 157 -1.62 7.71 -22.03
N LEU B 158 -1.00 6.56 -21.81
CA LEU B 158 0.45 6.45 -21.90
C LEU B 158 0.82 5.84 -23.24
N ARG B 159 1.75 6.48 -23.96
CA ARG B 159 2.09 5.98 -25.30
C ARG B 159 3.56 6.21 -25.61
N PHE B 160 4.18 5.23 -26.26
CA PHE B 160 5.50 5.43 -26.85
C PHE B 160 5.38 5.93 -28.29
N SER B 161 6.29 6.82 -28.66
CA SER B 161 6.47 7.27 -30.03
C SER B 161 7.78 6.71 -30.60
N GLU B 162 7.77 6.28 -31.86
CA GLU B 162 8.94 5.68 -32.47
C GLU B 162 9.66 6.74 -33.32
N ASP B 163 10.97 6.73 -33.21
CA ASP B 163 11.93 7.68 -33.72
C ASP B 163 13.20 6.95 -34.16
N ASN B 164 13.31 6.64 -35.45
CA ASN B 164 14.52 6.01 -35.97
C ASN B 164 14.87 4.73 -35.21
N GLY B 165 13.87 3.95 -34.79
CA GLY B 165 14.15 2.68 -34.14
C GLY B 165 14.27 2.79 -32.64
N SER B 166 14.22 4.01 -32.11
CA SER B 166 14.12 4.23 -30.68
C SER B 166 12.74 4.75 -30.32
N TYR B 167 12.44 4.66 -29.03
CA TYR B 167 11.08 4.89 -28.56
C TYR B 167 11.11 5.82 -27.35
N VAL B 168 10.20 6.81 -27.34
CA VAL B 168 10.13 7.73 -26.21
C VAL B 168 8.69 7.81 -25.72
N LEU B 169 8.51 7.73 -24.41
CA LEU B 169 7.20 7.91 -23.79
C LEU B 169 7.26 9.20 -22.99
N ARG B 170 6.34 10.14 -23.22
CA ARG B 170 6.26 11.35 -22.41
C ARG B 170 5.13 11.21 -21.40
N MET B 171 5.49 11.24 -20.12
CA MET B 171 4.44 11.08 -19.10
C MET B 171 3.57 12.31 -18.96
N PRO B 172 2.27 12.12 -18.75
CA PRO B 172 1.44 13.21 -18.25
C PRO B 172 1.78 13.44 -16.80
N SER B 173 1.33 14.57 -16.24
CA SER B 173 1.39 14.72 -14.81
C SER B 173 0.64 13.57 -14.12
N SER B 174 1.05 13.27 -12.88
CA SER B 174 0.43 12.14 -12.21
C SER B 174 -1.10 12.30 -12.10
N GLU B 175 -1.53 13.53 -11.84
CA GLU B 175 -2.96 13.82 -11.70
C GLU B 175 -3.73 13.58 -12.99
N ARG B 176 -3.04 13.57 -14.13
CA ARG B 176 -3.65 13.41 -15.44
C ARG B 176 -3.41 12.04 -16.05
N ILE B 177 -2.77 11.10 -15.36
CA ILE B 177 -2.70 9.73 -15.85
C ILE B 177 -4.12 9.17 -15.92
N GLU B 178 -4.45 8.59 -17.06
CA GLU B 178 -5.73 7.91 -17.25
C GLU B 178 -5.45 6.42 -17.42
N ILE B 179 -6.25 5.62 -16.75
N ILE B 179 -6.17 5.57 -16.72
CA ILE B 179 -6.13 4.16 -16.69
CA ILE B 179 -6.06 4.13 -16.93
C ILE B 179 -7.49 3.50 -16.79
C ILE B 179 -7.45 3.51 -16.84
N ASN B 180 -7.63 2.51 -17.69
CA ASN B 180 -8.84 1.71 -17.74
C ASN B 180 -8.88 0.76 -16.56
N LYS B 181 -9.79 1.01 -15.61
CA LYS B 181 -9.80 0.27 -14.36
C LYS B 181 -10.18 -1.20 -14.58
N SER B 182 -10.73 -1.57 -15.74
CA SER B 182 -11.00 -3.00 -15.96
C SER B 182 -9.70 -3.77 -16.19
N LYS B 183 -8.59 -3.09 -16.47
CA LYS B 183 -7.36 -3.75 -16.89
C LYS B 183 -6.14 -3.43 -16.01
N ILE B 184 -6.00 -2.18 -15.56
CA ILE B 184 -4.77 -1.74 -14.92
C ILE B 184 -5.06 -1.05 -13.60
N MET B 185 -4.20 -1.29 -12.62
CA MET B 185 -4.11 -0.46 -11.43
C MET B 185 -2.68 0.08 -11.29
N ILE B 186 -2.58 1.32 -10.84
CA ILE B 186 -1.29 1.97 -10.55
C ILE B 186 -1.32 2.48 -9.11
N ARG B 187 -0.19 2.35 -8.44
CA ARG B 187 0.02 2.96 -7.14
C ARG B 187 1.35 3.70 -7.20
N SER B 188 1.60 4.58 -6.23
N SER B 188 1.62 4.55 -6.21
CA SER B 188 2.80 5.42 -6.31
CA SER B 188 2.77 5.44 -6.34
C SER B 188 4.08 4.60 -6.38
C SER B 188 4.11 4.73 -6.23
N MET B 189 4.20 3.63 -5.48
CA MET B 189 5.39 2.78 -5.51
C MET B 189 4.97 1.33 -5.67
N GLU B 190 5.92 0.56 -6.22
CA GLU B 190 5.71 -0.85 -6.55
C GLU B 190 5.32 -1.66 -5.32
N MET B 191 5.85 -1.29 -4.15
CA MET B 191 5.54 -2.10 -2.96
C MET B 191 4.06 -2.06 -2.61
N GLU B 192 3.37 -0.99 -3.00
CA GLU B 192 1.94 -0.89 -2.75
C GLU B 192 1.11 -1.87 -3.59
N LEU B 193 1.69 -2.39 -4.68
CA LEU B 193 0.97 -3.36 -5.52
C LEU B 193 0.87 -4.74 -4.87
N ILE B 194 1.74 -5.04 -3.92
CA ILE B 194 1.77 -6.38 -3.32
C ILE B 194 0.42 -6.73 -2.71
N HIS B 195 -0.14 -5.81 -1.91
CA HIS B 195 -1.45 -6.03 -1.31
C HIS B 195 -2.52 -6.26 -2.35
N LEU B 196 -2.46 -5.55 -3.49
CA LEU B 196 -3.50 -5.69 -4.51
C LEU B 196 -3.48 -7.07 -5.13
N VAL B 197 -2.30 -7.65 -5.33
CA VAL B 197 -2.24 -9.03 -5.84
C VAL B 197 -2.69 -10.00 -4.76
N GLU B 198 -2.20 -9.81 -3.52
CA GLU B 198 -2.60 -10.75 -2.46
C GLU B 198 -4.11 -10.78 -2.23
N SER B 199 -4.76 -9.63 -2.39
CA SER B 199 -6.19 -9.53 -2.11
C SER B 199 -7.04 -9.95 -3.30
N GLY B 200 -6.43 -10.23 -4.45
CA GLY B 200 -7.18 -10.67 -5.62
C GLY B 200 -7.58 -9.55 -6.55
N GLU B 201 -7.33 -8.30 -6.15
N GLU B 201 -7.32 -8.28 -6.23
CA GLU B 201 -7.61 -7.10 -6.93
CA GLU B 201 -7.76 -7.25 -7.17
C GLU B 201 -6.86 -7.14 -8.26
C GLU B 201 -6.90 -7.24 -8.42
N LEU B 202 -5.64 -7.67 -8.25
CA LEU B 202 -4.81 -7.84 -9.43
C LEU B 202 -4.43 -9.31 -9.60
N ASP B 203 -4.32 -9.72 -10.86
CA ASP B 203 -3.78 -11.04 -11.19
C ASP B 203 -2.24 -11.03 -11.30
N TYR B 204 -1.68 -10.01 -11.92
CA TYR B 204 -0.26 -9.94 -12.20
C TYR B 204 0.26 -8.56 -11.85
N PHE B 205 1.56 -8.46 -11.53
CA PHE B 205 2.17 -7.14 -11.44
C PHE B 205 3.64 -7.23 -11.90
N PHE B 206 4.06 -6.13 -12.52
CA PHE B 206 5.47 -5.98 -12.88
C PHE B 206 6.23 -5.51 -11.65
N ILE B 207 7.33 -6.19 -11.33
CA ILE B 207 7.99 -5.97 -10.05
C ILE B 207 9.41 -6.48 -10.16
N TYR B 208 10.30 -5.99 -9.28
CA TYR B 208 11.63 -6.57 -9.20
C TYR B 208 11.58 -8.01 -8.72
N LYS B 209 12.49 -8.80 -9.28
N LYS B 209 12.48 -8.84 -9.27
CA LYS B 209 12.66 -10.18 -8.85
CA LYS B 209 12.57 -10.22 -8.80
C LYS B 209 12.91 -10.30 -7.35
C LYS B 209 12.87 -10.30 -7.32
N SER B 210 13.70 -9.39 -6.78
CA SER B 210 14.02 -9.48 -5.36
C SER B 210 12.76 -9.38 -4.50
N VAL B 211 11.87 -8.46 -4.87
CA VAL B 211 10.64 -8.25 -4.11
C VAL B 211 9.70 -9.41 -4.32
N ALA B 212 9.60 -9.92 -5.56
CA ALA B 212 8.76 -11.10 -5.79
C ALA B 212 9.17 -12.25 -4.88
N LYS B 213 10.49 -12.48 -4.80
CA LYS B 213 11.00 -13.56 -3.94
C LYS B 213 10.78 -13.28 -2.47
N GLN B 214 11.02 -12.04 -2.03
CA GLN B 214 10.83 -11.68 -0.62
C GLN B 214 9.40 -11.93 -0.16
N HIS B 215 8.44 -11.73 -1.06
CA HIS B 215 7.03 -11.84 -0.67
C HIS B 215 6.38 -13.12 -1.19
N GLY B 216 7.17 -14.07 -1.71
CA GLY B 216 6.65 -15.40 -1.99
C GLY B 216 5.78 -15.53 -3.22
N PHE B 217 5.94 -14.63 -4.19
CA PHE B 217 5.16 -14.71 -5.42
C PHE B 217 5.79 -15.67 -6.42
N ASN B 218 4.95 -16.28 -7.25
CA ASN B 218 5.41 -16.86 -8.51
C ASN B 218 5.82 -15.73 -9.45
N PHE B 219 6.66 -16.05 -10.44
CA PHE B 219 6.89 -15.04 -11.48
C PHE B 219 7.32 -15.70 -12.79
N VAL B 220 7.00 -14.98 -13.85
CA VAL B 220 7.52 -15.23 -15.18
C VAL B 220 8.83 -14.47 -15.30
N GLU B 221 9.89 -15.21 -15.62
N GLU B 221 9.89 -15.20 -15.63
CA GLU B 221 11.15 -14.57 -15.97
CA GLU B 221 11.17 -14.58 -15.95
C GLU B 221 11.06 -14.09 -17.42
C GLU B 221 11.13 -14.10 -17.41
N LEU B 222 11.37 -12.81 -17.60
CA LEU B 222 11.31 -12.20 -18.93
C LEU B 222 12.66 -12.33 -19.59
N PRO B 223 12.76 -12.24 -20.90
CA PRO B 223 14.07 -12.28 -21.55
C PRO B 223 15.03 -11.24 -20.97
N VAL B 224 16.29 -11.64 -20.82
CA VAL B 224 17.33 -10.68 -20.42
C VAL B 224 17.39 -9.51 -21.39
N GLU B 225 16.97 -9.70 -22.65
CA GLU B 225 16.98 -8.63 -23.62
C GLU B 225 15.96 -7.52 -23.32
N ILE B 226 15.01 -7.78 -22.42
CA ILE B 226 13.99 -6.75 -22.12
C ILE B 226 13.92 -6.42 -20.63
N ASP B 227 14.57 -7.17 -19.74
CA ASP B 227 14.21 -7.06 -18.33
C ASP B 227 15.14 -6.16 -17.52
N LEU B 228 16.05 -5.48 -18.21
CA LEU B 228 16.89 -4.41 -17.66
C LEU B 228 17.88 -4.94 -16.64
N SER B 229 18.19 -6.24 -16.65
CA SER B 229 18.97 -6.79 -15.55
C SER B 229 20.48 -6.80 -15.78
N SER B 230 20.93 -6.85 -17.04
CA SER B 230 22.33 -7.23 -17.28
C SER B 230 23.15 -6.18 -18.00
N PRO B 231 24.38 -5.95 -17.56
CA PRO B 231 25.22 -4.97 -18.25
C PRO B 231 25.53 -5.38 -19.68
N ASP B 232 25.44 -6.67 -20.00
CA ASP B 232 25.80 -7.11 -21.34
C ASP B 232 24.78 -6.72 -22.39
N TYR B 233 23.61 -6.23 -21.97
CA TYR B 233 22.55 -5.90 -22.91
C TYR B 233 22.20 -4.42 -22.89
N ALA B 234 23.14 -3.59 -22.40
CA ALA B 234 22.87 -2.16 -22.30
C ALA B 234 22.49 -1.53 -23.63
N GLU B 235 23.12 -1.97 -24.73
CA GLU B 235 22.79 -1.36 -26.02
C GLU B 235 21.34 -1.64 -26.38
N LEU B 236 20.85 -2.85 -26.09
CA LEU B 236 19.44 -3.15 -26.38
C LEU B 236 18.50 -2.33 -25.49
N TYR B 237 18.84 -2.20 -24.20
CA TYR B 237 17.96 -1.48 -23.28
C TYR B 237 17.81 -0.01 -23.67
N SER B 238 18.88 0.54 -24.27
CA SER B 238 18.92 1.99 -24.50
C SER B 238 17.98 2.43 -25.62
N LYS B 239 17.29 1.52 -26.26
CA LYS B 239 16.33 1.85 -27.31
C LYS B 239 15.05 2.52 -26.78
N VAL B 240 14.84 2.51 -25.46
CA VAL B 240 13.63 3.12 -24.87
C VAL B 240 14.01 4.21 -23.88
N LYS B 241 13.20 5.26 -23.85
CA LYS B 241 13.37 6.37 -22.94
C LYS B 241 11.99 6.84 -22.45
N VAL B 242 11.97 7.32 -21.23
CA VAL B 242 10.74 7.88 -20.66
C VAL B 242 11.05 9.29 -20.14
N VAL B 243 10.22 10.24 -20.52
CA VAL B 243 10.31 11.60 -19.97
C VAL B 243 9.30 11.69 -18.82
N LEU B 244 9.83 11.76 -17.60
CA LEU B 244 8.97 11.84 -16.44
C LEU B 244 8.24 13.18 -16.39
N ALA B 245 7.18 13.23 -15.59
CA ALA B 245 6.42 14.46 -15.47
C ALA B 245 7.26 15.62 -14.95
N ASN B 246 8.34 15.35 -14.23
CA ASN B 246 9.19 16.44 -13.77
C ASN B 246 10.19 16.89 -14.82
N GLY B 247 10.06 16.39 -16.03
CA GLY B 247 10.90 16.86 -17.13
C GLY B 247 12.18 16.06 -17.30
N LYS B 248 12.54 15.20 -16.36
CA LYS B 248 13.79 14.44 -16.49
C LYS B 248 13.57 13.26 -17.44
N GLU B 249 14.57 13.00 -18.27
CA GLU B 249 14.53 11.83 -19.16
C GLU B 249 15.37 10.69 -18.59
N VAL B 250 14.77 9.52 -18.48
CA VAL B 250 15.49 8.31 -18.10
C VAL B 250 15.50 7.35 -19.28
N THR B 251 16.63 6.70 -19.42
CA THR B 251 16.87 5.78 -20.52
C THR B 251 16.90 4.35 -20.00
N GLY B 252 16.42 3.40 -20.80
CA GLY B 252 16.57 2.00 -20.42
C GLY B 252 18.03 1.67 -20.21
N LYS B 253 18.36 1.12 -19.04
CA LYS B 253 19.71 0.86 -18.63
C LYS B 253 19.68 -0.33 -17.67
N PRO B 254 20.79 -1.05 -17.54
CA PRO B 254 20.86 -2.10 -16.51
C PRO B 254 20.53 -1.51 -15.15
N ILE B 255 19.73 -2.22 -14.37
CA ILE B 255 19.28 -1.71 -13.08
C ILE B 255 20.43 -1.70 -12.09
N VAL B 256 20.74 -0.50 -11.60
CA VAL B 256 21.83 -0.29 -10.64
C VAL B 256 21.35 0.73 -9.63
N TYR B 257 21.40 0.37 -8.37
CA TYR B 257 20.91 1.24 -7.29
C TYR B 257 22.01 2.26 -6.95
N GLY B 258 21.60 3.37 -6.33
CA GLY B 258 22.52 4.43 -5.96
C GLY B 258 22.29 4.92 -4.54
N ILE B 259 23.37 5.41 -3.92
CA ILE B 259 23.26 5.98 -2.57
C ILE B 259 24.12 7.24 -2.52
N THR B 260 23.63 8.21 -1.74
CA THR B 260 24.36 9.45 -1.50
C THR B 260 24.04 9.98 -0.11
N ILE B 261 24.88 10.92 0.32
CA ILE B 261 24.63 11.76 1.49
C ILE B 261 24.35 13.17 1.01
N PRO B 262 23.16 13.71 1.21
CA PRO B 262 22.87 15.07 0.77
C PRO B 262 23.80 16.11 1.40
N LYS B 263 24.02 17.18 0.65
CA LYS B 263 24.89 18.26 1.10
C LYS B 263 24.38 18.91 2.39
N ASN B 264 23.08 18.85 2.61
CA ASN B 264 22.49 19.47 3.80
C ASN B 264 22.13 18.44 4.87
N ALA B 265 22.72 17.25 4.79
CA ALA B 265 22.57 16.27 5.86
C ALA B 265 22.90 16.88 7.22
N GLU B 266 22.07 16.62 8.24
CA GLU B 266 22.29 17.04 9.61
C GLU B 266 23.31 16.18 10.36
N ASN B 267 23.46 14.91 10.00
CA ASN B 267 24.32 13.99 10.75
C ASN B 267 25.30 13.30 9.81
N ARG B 268 26.23 14.07 9.28
CA ARG B 268 27.03 13.58 8.16
C ARG B 268 27.93 12.42 8.56
N GLU B 269 28.53 12.52 9.74
CA GLU B 269 29.44 11.51 10.24
C GLU B 269 28.78 10.15 10.40
N LEU B 270 27.59 10.13 11.01
CA LEU B 270 26.85 8.87 11.07
C LEU B 270 26.38 8.42 9.69
N ALA B 271 26.04 9.36 8.81
CA ALA B 271 25.62 8.99 7.46
C ALA B 271 26.77 8.27 6.75
N VAL B 272 28.00 8.74 6.95
CA VAL B 272 29.16 8.05 6.35
C VAL B 272 29.23 6.61 6.85
N GLU B 273 29.04 6.39 8.15
CA GLU B 273 29.10 5.03 8.68
C GLU B 273 27.98 4.15 8.15
N PHE B 274 26.79 4.73 7.91
CA PHE B 274 25.69 3.97 7.33
C PHE B 274 25.98 3.57 5.89
N VAL B 275 26.47 4.53 5.10
CA VAL B 275 26.86 4.21 3.72
C VAL B 275 27.91 3.09 3.73
N LYS B 276 28.93 3.19 4.58
CA LYS B 276 29.93 2.12 4.69
C LYS B 276 29.29 0.76 4.97
N LEU B 277 28.30 0.69 5.86
CA LEU B 277 27.63 -0.57 6.12
C LEU B 277 26.95 -1.11 4.85
N VAL B 278 26.24 -0.24 4.14
CA VAL B 278 25.46 -0.72 3.00
C VAL B 278 26.36 -1.39 1.99
N ILE B 279 27.53 -0.79 1.75
CA ILE B 279 28.40 -1.27 0.68
C ILE B 279 29.51 -2.20 1.15
N SER B 280 29.60 -2.48 2.43
CA SER B 280 30.53 -3.45 3.00
C SER B 280 30.15 -4.88 2.60
N GLU B 281 31.03 -5.85 2.83
CA GLU B 281 30.62 -7.24 2.58
C GLU B 281 29.36 -7.63 3.32
N GLU B 282 29.25 -7.14 4.57
CA GLU B 282 28.06 -7.42 5.35
C GLU B 282 26.80 -6.91 4.66
N GLY B 283 26.87 -5.68 4.15
CA GLY B 283 25.72 -5.12 3.44
C GLY B 283 25.44 -5.84 2.13
N GLN B 284 26.52 -6.18 1.43
CA GLN B 284 26.35 -6.93 0.20
C GLN B 284 25.64 -8.27 0.43
N GLU B 285 26.03 -8.92 1.52
CA GLU B 285 25.39 -10.20 1.87
C GLU B 285 23.95 -10.00 2.30
N ILE B 286 23.63 -8.94 3.03
CA ILE B 286 22.22 -8.67 3.34
C ILE B 286 21.42 -8.56 2.05
N LEU B 287 21.96 -7.81 1.09
CA LEU B 287 21.26 -7.64 -0.19
C LEU B 287 21.17 -8.95 -0.97
N ARG B 288 22.24 -9.73 -1.01
CA ARG B 288 22.25 -10.98 -1.77
C ARG B 288 21.19 -11.95 -1.26
N GLU B 289 21.16 -12.12 0.06
CA GLU B 289 20.22 -13.00 0.73
C GLU B 289 18.78 -12.62 0.41
N LEU B 290 18.57 -11.32 0.22
CA LEU B 290 17.25 -10.80 -0.11
C LEU B 290 17.03 -10.65 -1.60
N GLY B 291 17.93 -11.19 -2.43
CA GLY B 291 17.67 -11.34 -3.85
C GLY B 291 18.24 -10.30 -4.77
N GLN B 292 19.13 -9.46 -4.28
CA GLN B 292 19.84 -8.52 -5.14
C GLN B 292 21.33 -8.84 -5.20
N GLU B 293 21.80 -9.21 -6.38
CA GLU B 293 23.22 -9.50 -6.55
C GLU B 293 24.00 -8.19 -6.54
N PRO B 294 25.27 -8.26 -6.19
CA PRO B 294 26.10 -7.05 -6.20
C PRO B 294 26.50 -6.64 -7.61
N LEU B 295 26.91 -5.37 -7.71
CA LEU B 295 27.48 -4.82 -8.92
C LEU B 295 28.52 -5.75 -9.52
W WO4 C . -9.51 -2.34 8.31
O1 WO4 C . -10.89 -1.61 9.03
O2 WO4 C . -10.06 -3.93 8.26
O3 WO4 C . -8.43 -2.36 9.66
O4 WO4 C . -8.14 -2.68 6.90
W WO4 D . 11.28 1.76 -6.39
O1 WO4 D . 11.72 1.28 -8.00
O2 WO4 D . 12.10 3.24 -6.18
O3 WO4 D . 12.25 0.66 -5.45
O4 WO4 D . 10.09 2.22 -4.96
S SO4 E . 34.57 -5.48 3.94
O1 SO4 E . 35.70 -6.04 3.18
O2 SO4 E . 35.03 -4.34 4.80
O3 SO4 E . 33.53 -4.98 2.99
O4 SO4 E . 33.97 -6.53 4.84
#